data_9JSY
#
_entry.id   9JSY
#
_cell.length_a   52.983
_cell.length_b   65.538
_cell.length_c   53.284
_cell.angle_alpha   90.00
_cell.angle_beta   98.29
_cell.angle_gamma   90.00
#
_symmetry.space_group_name_H-M   'P 1 21 1'
#
loop_
_entity.id
_entity.type
_entity.pdbx_description
1 polymer '2-nitropropane dioxygenase'
2 non-polymer 'methyl 3-[[2-[(2,4-dichlorophenyl)amino]pyridin-3-yl]sulfonylamino]benzoate'
3 non-polymer 'FLAVIN MONONUCLEOTIDE'
4 non-polymer 'IRON/SULFUR CLUSTER'
5 non-polymer 'MAGNESIUM ION'
6 water water
#
_entity_poly.entity_id   1
_entity_poly.type   'polypeptide(L)'
_entity_poly.pdbx_seq_one_letter_code
;GSMVSTLKPLKIGKHTIKFPIFQGGMGVGISWDELAGNVAKEGALGVISAVGTGYYKNMRFVERIVAKKPFEALNFYSKK
ALNEIFANARKICGNNPLGANILYAINDYGRVLRDSCEAGANIIITGAGLPTNMPEFAKDFSDVALIPIISSAKALKILC
KRWSDRYKRIPDAFIVEGPLSGGHQGFKYEDCFKEEFRLENLVPKVVEASKEWGNIPIIAAGGIWDRKDIDTMLSLGASG
VQMATRFLGTKECDAKVYADLLPTLKKEDILLIKSPVGYPARAINTGVIKRIEEGNAPKIACVSNCVAPCNRGEEAKKVG
YCIADGLGRSYLGNREEGLYFTGANGYRVDKIISVHELIKELTEG
;
_entity_poly.pdbx_strand_id   A
#
loop_
_chem_comp.id
_chem_comp.type
_chem_comp.name
_chem_comp.formula
A1ECY non-polymer 'methyl 3-[[2-[(2,4-dichlorophenyl)amino]pyridin-3-yl]sulfonylamino]benzoate' 'C19 H15 Cl2 N3 O4 S'
FMN non-polymer 'FLAVIN MONONUCLEOTIDE' 'C17 H21 N4 O9 P'
MG non-polymer 'MAGNESIUM ION' 'Mg 2'
SF4 non-polymer 'IRON/SULFUR CLUSTER' 'Fe4 S4'
#
# COMPACT_ATOMS: atom_id res chain seq x y z
N GLY A 1 3.51 -20.09 25.14
CA GLY A 1 2.09 -19.92 24.83
C GLY A 1 1.83 -19.45 23.41
N SER A 2 2.45 -20.09 22.41
CA SER A 2 2.19 -19.77 20.98
C SER A 2 2.62 -20.93 20.09
N MET A 3 1.68 -21.83 19.79
CA MET A 3 1.99 -23.02 18.97
C MET A 3 2.73 -22.63 17.70
N VAL A 4 3.68 -23.45 17.29
CA VAL A 4 4.42 -23.21 16.02
C VAL A 4 3.39 -23.04 14.90
N SER A 5 3.67 -22.15 13.96
CA SER A 5 2.68 -21.91 12.93
C SER A 5 2.60 -23.12 12.01
N THR A 6 1.41 -23.40 11.49
CA THR A 6 1.27 -24.35 10.41
C THR A 6 1.22 -23.68 9.06
N LEU A 7 1.27 -22.34 9.01
CA LEU A 7 1.38 -21.65 7.73
C LEU A 7 2.72 -21.94 7.09
N LYS A 8 2.72 -22.06 5.78
CA LYS A 8 3.93 -22.45 5.07
C LYS A 8 4.53 -21.26 4.32
N PRO A 9 5.85 -21.25 4.11
CA PRO A 9 6.48 -20.11 3.42
C PRO A 9 5.95 -19.93 2.01
N LEU A 10 5.99 -18.69 1.56
CA LEU A 10 5.42 -18.30 0.28
C LEU A 10 6.55 -17.84 -0.63
N LYS A 11 6.60 -18.44 -1.80
CA LYS A 11 7.60 -18.00 -2.81
C LYS A 11 6.95 -17.08 -3.85
N ILE A 12 7.55 -15.93 -4.04
CA ILE A 12 7.13 -14.94 -5.02
C ILE A 12 8.35 -14.65 -5.88
N GLY A 13 8.30 -15.08 -7.14
CA GLY A 13 9.48 -14.99 -7.97
C GLY A 13 10.60 -15.79 -7.34
N LYS A 14 11.76 -15.17 -7.19
CA LYS A 14 12.90 -15.81 -6.54
C LYS A 14 12.93 -15.59 -5.04
N HIS A 15 11.95 -14.87 -4.50
CA HIS A 15 11.94 -14.47 -3.10
C HIS A 15 11.00 -15.34 -2.29
N THR A 16 11.45 -15.72 -1.09
CA THR A 16 10.66 -16.50 -0.15
C THR A 16 10.43 -15.67 1.11
N ILE A 17 9.18 -15.64 1.57
CA ILE A 17 8.86 -15.08 2.88
C ILE A 17 8.35 -16.21 3.78
N LYS A 18 8.70 -16.12 5.07
CA LYS A 18 8.36 -17.16 6.03
C LYS A 18 6.85 -17.36 6.17
N PHE A 19 6.09 -16.28 6.20
CA PHE A 19 4.64 -16.38 6.36
C PHE A 19 3.93 -15.84 5.13
N PRO A 20 2.80 -16.46 4.71
CA PRO A 20 2.08 -16.04 3.50
C PRO A 20 1.24 -14.79 3.71
N ILE A 21 1.88 -13.72 4.20
CA ILE A 21 1.19 -12.54 4.67
C ILE A 21 1.94 -11.33 4.15
N PHE A 22 1.23 -10.43 3.44
CA PHE A 22 1.76 -9.11 3.11
C PHE A 22 1.16 -8.10 4.08
N GLN A 23 2.00 -7.23 4.62
CA GLN A 23 1.48 -6.00 5.21
C GLN A 23 1.27 -5.01 4.06
N GLY A 24 0.02 -4.59 3.84
CA GLY A 24 -0.26 -3.78 2.67
C GLY A 24 0.45 -2.44 2.76
N GLY A 25 0.93 -1.96 1.62
CA GLY A 25 1.52 -0.63 1.58
C GLY A 25 0.50 0.42 1.95
N MET A 26 0.96 1.45 2.69
CA MET A 26 0.04 2.51 3.10
C MET A 26 0.76 3.85 3.05
N GLY A 27 0.29 4.75 2.20
CA GLY A 27 0.80 6.11 2.18
C GLY A 27 -0.20 7.07 2.78
N VAL A 28 0.26 8.31 3.04
CA VAL A 28 1.66 8.72 2.93
C VAL A 28 2.34 8.55 4.29
N GLY A 29 3.48 7.86 4.30
CA GLY A 29 4.26 7.77 5.52
C GLY A 29 3.73 6.85 6.59
N ILE A 30 2.81 5.96 6.24
CA ILE A 30 2.30 5.02 7.22
C ILE A 30 3.14 3.75 7.28
N SER A 31 3.49 3.17 6.12
CA SER A 31 4.36 2.00 6.11
C SER A 31 5.74 2.40 5.56
N TRP A 32 6.54 3.02 6.42
CA TRP A 32 7.92 3.32 6.04
C TRP A 32 8.83 2.40 6.86
N ASP A 33 9.98 2.88 7.36
CA ASP A 33 11.02 1.93 7.77
C ASP A 33 10.67 1.17 9.03
N GLU A 34 10.10 1.85 10.04
CA GLU A 34 9.81 1.14 11.30
C GLU A 34 8.77 0.04 11.09
N LEU A 35 7.67 0.34 10.40
CA LEU A 35 6.63 -0.66 10.18
C LEU A 35 7.12 -1.76 9.24
N ALA A 36 7.52 -1.39 8.02
CA ALA A 36 7.89 -2.40 7.05
C ALA A 36 9.14 -3.19 7.49
N GLY A 37 10.10 -2.50 8.12
CA GLY A 37 11.26 -3.21 8.65
C GLY A 37 10.89 -4.24 9.71
N ASN A 38 10.01 -3.87 10.64
CA ASN A 38 9.61 -4.82 11.67
C ASN A 38 8.72 -5.94 11.15
N VAL A 39 7.83 -5.65 10.20
CA VAL A 39 7.07 -6.71 9.55
C VAL A 39 8.02 -7.74 8.94
N ALA A 40 8.98 -7.27 8.14
CA ALA A 40 9.90 -8.20 7.49
C ALA A 40 10.80 -8.92 8.49
N LYS A 41 11.16 -8.28 9.60
CA LYS A 41 11.89 -8.98 10.65
C LYS A 41 11.09 -10.16 11.19
N GLU A 42 9.78 -10.00 11.36
CA GLU A 42 8.92 -11.07 11.86
C GLU A 42 8.59 -12.12 10.81
N GLY A 43 9.03 -11.96 9.56
CA GLY A 43 8.85 -13.02 8.59
C GLY A 43 7.69 -12.84 7.63
N ALA A 44 6.93 -11.76 7.73
CA ALA A 44 5.97 -11.41 6.70
C ALA A 44 6.62 -10.45 5.71
N LEU A 45 5.92 -10.16 4.63
CA LEU A 45 6.41 -9.19 3.65
C LEU A 45 6.14 -7.78 4.18
N GLY A 46 7.17 -7.06 4.59
CA GLY A 46 7.02 -5.63 4.85
C GLY A 46 7.02 -4.87 3.53
N VAL A 47 6.13 -3.89 3.42
CA VAL A 47 5.96 -3.15 2.18
C VAL A 47 6.11 -1.66 2.46
N ILE A 48 7.07 -1.03 1.78
CA ILE A 48 7.30 0.41 1.92
C ILE A 48 6.49 1.13 0.87
N SER A 49 5.71 2.12 1.30
CA SER A 49 5.00 2.95 0.34
C SER A 49 5.96 3.96 -0.26
N ALA A 50 6.00 4.03 -1.60
CA ALA A 50 6.94 4.93 -2.29
C ALA A 50 6.30 6.26 -2.66
N VAL A 51 5.09 6.52 -2.20
CA VAL A 51 4.36 7.74 -2.51
CA VAL A 51 4.41 7.77 -2.54
C VAL A 51 4.64 8.79 -1.43
N GLY A 52 4.88 10.03 -1.86
CA GLY A 52 5.08 11.11 -0.92
C GLY A 52 6.32 11.00 -0.05
N THR A 53 7.33 10.26 -0.50
CA THR A 53 8.54 10.10 0.30
C THR A 53 9.26 11.43 0.53
N GLY A 54 8.97 12.45 -0.27
CA GLY A 54 9.51 13.77 0.02
C GLY A 54 9.14 14.29 1.40
N TYR A 55 8.02 13.84 1.96
CA TYR A 55 7.66 14.26 3.31
C TYR A 55 8.55 13.67 4.40
N TYR A 56 9.34 12.64 4.10
CA TYR A 56 10.04 11.88 5.12
C TYR A 56 10.90 12.77 6.02
N LYS A 57 10.78 12.56 7.33
CA LYS A 57 11.54 13.29 8.35
C LYS A 57 11.38 14.79 8.19
N ASN A 58 10.14 15.23 7.96
CA ASN A 58 9.80 16.64 7.74
C ASN A 58 10.59 17.26 6.60
N MET A 59 10.60 16.56 5.45
CA MET A 59 11.11 17.10 4.20
C MET A 59 12.62 17.33 4.22
N ARG A 60 13.29 16.55 5.07
CA ARG A 60 14.76 16.55 5.21
C ARG A 60 15.47 16.37 3.88
N PHE A 61 14.95 15.50 3.01
CA PHE A 61 15.72 14.98 1.89
C PHE A 61 15.31 15.56 0.53
N VAL A 62 14.42 16.55 0.48
CA VAL A 62 14.05 17.10 -0.82
C VAL A 62 14.98 18.25 -1.17
N GLU A 63 15.03 18.56 -2.47
CA GLU A 63 15.77 19.69 -2.99
C GLU A 63 14.99 21.01 -2.94
N ARG A 64 13.67 20.94 -3.12
CA ARG A 64 12.85 22.16 -3.09
C ARG A 64 11.48 21.96 -2.43
N ILE A 65 11.10 22.93 -1.64
CA ILE A 65 9.81 23.02 -0.97
C ILE A 65 9.16 24.32 -1.42
N VAL A 66 7.86 24.27 -1.71
CA VAL A 66 7.06 25.47 -1.96
C VAL A 66 5.83 25.40 -1.05
N ALA A 67 5.66 26.42 -0.20
CA ALA A 67 4.48 26.47 0.69
C ALA A 67 4.43 25.25 1.60
N LYS A 68 5.60 24.85 2.14
CA LYS A 68 5.73 23.72 3.05
C LYS A 68 5.29 22.40 2.42
N LYS A 69 5.38 22.28 1.10
CA LYS A 69 5.09 21.04 0.38
C LYS A 69 6.23 20.72 -0.57
N PRO A 70 6.55 19.43 -0.76
CA PRO A 70 7.59 19.08 -1.75
C PRO A 70 7.20 19.58 -3.12
N PHE A 71 8.17 20.17 -3.81
CA PHE A 71 7.89 20.87 -5.06
C PHE A 71 7.93 19.88 -6.23
N GLU A 72 6.78 19.66 -6.83
CA GLU A 72 6.68 18.80 -8.04
C GLU A 72 6.94 17.31 -7.75
N ALA A 73 6.69 16.52 -8.77
CA ALA A 73 6.81 15.08 -8.57
C ALA A 73 8.22 14.65 -8.17
N LEU A 74 9.23 15.35 -8.69
CA LEU A 74 10.62 14.93 -8.40
C LEU A 74 10.96 15.05 -6.93
N ASN A 75 10.33 15.96 -6.21
CA ASN A 75 10.52 16.10 -4.77
C ASN A 75 9.45 15.38 -3.95
N PHE A 76 8.22 15.30 -4.44
CA PHE A 76 7.18 14.51 -3.76
C PHE A 76 7.54 13.02 -3.75
N TYR A 77 8.04 12.49 -4.87
CA TYR A 77 8.56 11.11 -4.92
C TYR A 77 10.08 11.20 -4.89
N SER A 78 10.64 11.34 -3.68
CA SER A 78 12.03 11.75 -3.51
C SER A 78 12.93 10.51 -3.46
N LYS A 79 13.79 10.37 -4.47
CA LYS A 79 14.68 9.22 -4.54
C LYS A 79 15.61 9.17 -3.34
N LYS A 80 16.12 10.32 -2.89
CA LYS A 80 17.02 10.28 -1.75
C LYS A 80 16.27 9.85 -0.48
N ALA A 81 15.04 10.30 -0.29
CA ALA A 81 14.25 9.83 0.85
C ALA A 81 14.00 8.33 0.78
N LEU A 82 13.56 7.86 -0.39
CA LEU A 82 13.29 6.43 -0.59
C LEU A 82 14.51 5.60 -0.21
N ASN A 83 15.71 6.01 -0.68
CA ASN A 83 16.94 5.29 -0.35
C ASN A 83 17.13 5.19 1.16
N GLU A 84 16.89 6.28 1.87
CA GLU A 84 17.08 6.31 3.31
C GLU A 84 16.05 5.46 4.04
N ILE A 85 14.80 5.45 3.56
CA ILE A 85 13.75 4.63 4.16
C ILE A 85 14.12 3.15 4.03
N PHE A 86 14.51 2.73 2.82
CA PHE A 86 14.91 1.35 2.62
C PHE A 86 16.12 0.99 3.48
N ALA A 87 17.13 1.87 3.53
CA ALA A 87 18.32 1.56 4.33
C ALA A 87 17.97 1.45 5.82
N ASN A 88 17.11 2.33 6.32
CA ASN A 88 16.68 2.23 7.72
C ASN A 88 15.83 0.99 7.99
N ALA A 89 15.02 0.57 7.02
CA ALA A 89 14.24 -0.65 7.22
C ALA A 89 15.14 -1.88 7.33
N ARG A 90 16.22 -1.92 6.53
CA ARG A 90 17.10 -3.08 6.53
C ARG A 90 18.03 -3.12 7.74
N LYS A 91 18.22 -1.98 8.42
CA LYS A 91 18.83 -2.03 9.73
C LYS A 91 17.99 -2.84 10.72
N ILE A 92 16.69 -2.97 10.46
CA ILE A 92 15.82 -3.80 11.29
C ILE A 92 15.67 -5.22 10.74
N CYS A 93 15.60 -5.39 9.42
CA CYS A 93 15.21 -6.68 8.87
C CYS A 93 16.29 -7.36 8.05
N GLY A 94 17.47 -6.77 7.92
CA GLY A 94 18.54 -7.45 7.18
C GLY A 94 18.13 -7.64 5.74
N ASN A 95 18.33 -8.86 5.21
CA ASN A 95 17.95 -9.21 3.86
C ASN A 95 16.58 -9.90 3.75
N ASN A 96 15.75 -9.85 4.78
CA ASN A 96 14.38 -10.34 4.64
C ASN A 96 13.68 -9.56 3.52
N PRO A 97 12.77 -10.18 2.77
CA PRO A 97 12.22 -9.49 1.59
C PRO A 97 11.43 -8.24 1.98
N LEU A 98 11.55 -7.20 1.14
CA LEU A 98 10.81 -5.95 1.27
C LEU A 98 10.15 -5.62 -0.06
N GLY A 99 8.87 -5.20 -0.02
CA GLY A 99 8.22 -4.67 -1.20
C GLY A 99 8.23 -3.16 -1.22
N ALA A 100 8.00 -2.59 -2.40
CA ALA A 100 7.66 -1.20 -2.55
C ALA A 100 6.29 -1.11 -3.22
N ASN A 101 5.42 -0.27 -2.68
CA ASN A 101 4.09 -0.09 -3.25
C ASN A 101 4.07 1.24 -4.00
N ILE A 102 3.70 1.19 -5.29
CA ILE A 102 3.61 2.36 -6.13
C ILE A 102 2.28 2.35 -6.87
N LEU A 103 1.45 3.34 -6.60
CA LEU A 103 0.21 3.50 -7.34
C LEU A 103 0.49 3.89 -8.79
N TYR A 104 -0.21 3.23 -9.71
CA TYR A 104 0.02 3.44 -11.14
C TYR A 104 -0.38 4.84 -11.58
N ALA A 105 -1.28 5.49 -10.83
CA ALA A 105 -1.81 6.78 -11.24
C ALA A 105 -0.86 7.93 -10.95
N ILE A 106 0.25 7.68 -10.28
CA ILE A 106 1.15 8.77 -9.91
C ILE A 106 1.82 9.32 -11.17
N ASN A 107 2.12 10.60 -11.14
CA ASN A 107 3.04 11.10 -12.15
C ASN A 107 4.42 10.49 -11.93
N ASP A 108 5.13 10.29 -13.04
CA ASP A 108 6.49 9.75 -13.02
C ASP A 108 6.58 8.33 -12.46
N TYR A 109 5.58 7.50 -12.78
CA TYR A 109 5.54 6.15 -12.24
C TYR A 109 6.83 5.39 -12.53
N GLY A 110 7.29 5.44 -13.79
CA GLY A 110 8.45 4.64 -14.17
C GLY A 110 9.72 5.02 -13.43
N ARG A 111 9.95 6.32 -13.24
CA ARG A 111 11.07 6.77 -12.42
C ARG A 111 10.99 6.22 -11.01
N VAL A 112 9.80 6.25 -10.40
CA VAL A 112 9.68 5.80 -9.01
C VAL A 112 9.87 4.28 -8.91
N LEU A 113 9.40 3.53 -9.92
CA LEU A 113 9.67 2.09 -9.94
C LEU A 113 11.16 1.82 -10.04
N ARG A 114 11.86 2.48 -10.98
CA ARG A 114 13.30 2.30 -11.05
C ARG A 114 13.99 2.75 -9.75
N ASP A 115 13.48 3.82 -9.13
CA ASP A 115 14.04 4.27 -7.86
C ASP A 115 13.89 3.21 -6.80
N SER A 116 12.74 2.53 -6.77
CA SER A 116 12.48 1.50 -5.77
C SER A 116 13.41 0.32 -5.96
N CYS A 117 13.65 -0.07 -7.22
CA CYS A 117 14.58 -1.16 -7.49
C CYS A 117 15.97 -0.80 -7.02
N GLU A 118 16.41 0.42 -7.31
CA GLU A 118 17.74 0.84 -6.92
C GLU A 118 17.86 1.02 -5.42
N ALA A 119 16.75 1.34 -4.74
CA ALA A 119 16.76 1.43 -3.28
C ALA A 119 16.86 0.06 -2.62
N GLY A 120 16.66 -1.01 -3.37
CA GLY A 120 16.78 -2.35 -2.84
C GLY A 120 15.48 -3.13 -2.68
N ALA A 121 14.39 -2.71 -3.32
CA ALA A 121 13.14 -3.46 -3.20
C ALA A 121 13.28 -4.83 -3.86
N ASN A 122 12.71 -5.86 -3.23
CA ASN A 122 12.65 -7.18 -3.84
C ASN A 122 11.37 -7.41 -4.62
N ILE A 123 10.35 -6.61 -4.34
CA ILE A 123 9.01 -6.75 -4.91
C ILE A 123 8.45 -5.36 -5.18
N ILE A 124 7.78 -5.20 -6.32
CA ILE A 124 7.00 -3.99 -6.61
C ILE A 124 5.53 -4.37 -6.67
N ILE A 125 4.71 -3.64 -5.92
CA ILE A 125 3.25 -3.82 -5.90
C ILE A 125 2.60 -2.55 -6.45
N THR A 126 1.72 -2.71 -7.44
CA THR A 126 1.12 -1.55 -8.11
C THR A 126 -0.37 -1.77 -8.37
N GLY A 127 -1.20 -0.91 -7.79
CA GLY A 127 -2.62 -0.83 -8.12
C GLY A 127 -3.02 0.54 -8.65
N ALA A 128 -4.29 0.91 -8.52
CA ALA A 128 -4.80 2.21 -8.98
C ALA A 128 -4.58 2.39 -10.49
N GLY A 129 -5.01 1.40 -11.25
CA GLY A 129 -4.77 1.39 -12.68
C GLY A 129 -4.57 -0.03 -13.14
N LEU A 130 -4.40 -0.16 -14.46
CA LEU A 130 -4.08 -1.42 -15.12
C LEU A 130 -2.63 -1.35 -15.59
N PRO A 131 -1.65 -1.83 -14.78
CA PRO A 131 -0.20 -1.57 -15.05
C PRO A 131 0.46 -2.49 -16.08
N THR A 132 0.14 -2.19 -17.34
CA THR A 132 0.59 -2.93 -18.51
C THR A 132 2.06 -2.69 -18.88
N ASN A 133 2.76 -1.71 -18.29
CA ASN A 133 4.15 -1.51 -18.69
C ASN A 133 5.09 -1.57 -17.49
N MET A 134 4.70 -2.32 -16.45
CA MET A 134 5.52 -2.44 -15.25
C MET A 134 6.96 -2.89 -15.55
N PRO A 135 7.18 -3.95 -16.35
CA PRO A 135 8.57 -4.38 -16.61
C PRO A 135 9.37 -3.45 -17.51
N GLU A 136 8.75 -2.44 -18.12
CA GLU A 136 9.51 -1.51 -18.96
C GLU A 136 10.58 -0.77 -18.18
N PHE A 137 10.36 -0.57 -16.88
CA PHE A 137 11.24 0.26 -16.09
C PHE A 137 12.19 -0.56 -15.23
N ALA A 138 12.12 -1.88 -15.30
CA ALA A 138 12.88 -2.76 -14.42
C ALA A 138 13.88 -3.65 -15.17
N LYS A 139 14.27 -3.28 -16.39
CA LYS A 139 15.03 -4.20 -17.24
C LYS A 139 16.39 -4.53 -16.62
N ASP A 140 16.91 -3.62 -15.82
CA ASP A 140 18.16 -3.79 -15.10
C ASP A 140 17.99 -4.59 -13.82
N PHE A 141 16.76 -4.95 -13.47
CA PHE A 141 16.42 -5.57 -12.20
C PHE A 141 15.46 -6.74 -12.42
N SER A 142 15.96 -7.75 -13.15
CA SER A 142 15.09 -8.86 -13.56
C SER A 142 14.54 -9.65 -12.39
N ASP A 143 15.34 -9.84 -11.33
CA ASP A 143 14.92 -10.65 -10.19
C ASP A 143 14.04 -9.90 -9.18
N VAL A 144 13.70 -8.63 -9.43
CA VAL A 144 12.68 -7.96 -8.64
C VAL A 144 11.32 -8.48 -9.10
N ALA A 145 10.53 -9.02 -8.17
CA ALA A 145 9.23 -9.57 -8.52
C ALA A 145 8.19 -8.46 -8.68
N LEU A 146 7.26 -8.64 -9.61
CA LEU A 146 6.35 -7.58 -9.99
C LEU A 146 4.92 -8.06 -9.80
N ILE A 147 4.13 -7.32 -9.03
CA ILE A 147 2.80 -7.76 -8.59
C ILE A 147 1.74 -6.69 -8.84
N PRO A 148 0.88 -6.83 -9.86
CA PRO A 148 -0.29 -5.95 -9.97
C PRO A 148 -1.38 -6.25 -8.95
N ILE A 149 -2.04 -5.18 -8.47
CA ILE A 149 -3.29 -5.30 -7.73
C ILE A 149 -4.43 -5.22 -8.73
N ILE A 150 -5.35 -6.19 -8.68
CA ILE A 150 -6.45 -6.24 -9.63
C ILE A 150 -7.75 -6.41 -8.85
N SER A 151 -8.86 -6.17 -9.54
CA SER A 151 -10.15 -6.39 -8.90
C SER A 151 -11.06 -7.29 -9.73
N SER A 152 -10.53 -7.99 -10.73
CA SER A 152 -11.38 -8.81 -11.58
C SER A 152 -10.51 -9.82 -12.31
N ALA A 153 -11.14 -10.96 -12.69
CA ALA A 153 -10.45 -11.93 -13.54
C ALA A 153 -10.12 -11.34 -14.90
N LYS A 154 -10.98 -10.46 -15.42
CA LYS A 154 -10.71 -9.85 -16.72
C LYS A 154 -9.37 -9.12 -16.70
N ALA A 155 -9.07 -8.42 -15.61
CA ALA A 155 -7.83 -7.65 -15.53
C ALA A 155 -6.61 -8.55 -15.56
N LEU A 156 -6.68 -9.70 -14.89
CA LEU A 156 -5.58 -10.66 -14.93
C LEU A 156 -5.29 -11.09 -16.36
N LYS A 157 -6.33 -11.37 -17.14
CA LYS A 157 -6.12 -11.89 -18.49
C LYS A 157 -5.52 -10.81 -19.38
N ILE A 158 -6.02 -9.58 -19.26
CA ILE A 158 -5.50 -8.49 -20.08
C ILE A 158 -4.03 -8.26 -19.74
N LEU A 159 -3.71 -8.27 -18.45
CA LEU A 159 -2.34 -8.04 -18.04
C LEU A 159 -1.41 -9.16 -18.50
N CYS A 160 -1.82 -10.42 -18.34
CA CYS A 160 -0.91 -11.51 -18.77
C CYS A 160 -0.69 -11.47 -20.26
N LYS A 161 -1.74 -11.19 -21.02
CA LYS A 161 -1.63 -11.15 -22.48
C LYS A 161 -0.77 -9.98 -22.95
N ARG A 162 -0.96 -8.79 -22.36
CA ARG A 162 -0.17 -7.62 -22.79
C ARG A 162 1.29 -7.74 -22.37
N TRP A 163 1.56 -8.18 -21.14
CA TRP A 163 2.95 -8.37 -20.73
C TRP A 163 3.61 -9.44 -21.60
N SER A 164 2.90 -10.53 -21.88
CA SER A 164 3.53 -11.62 -22.62
C SER A 164 3.83 -11.20 -24.06
N ASP A 165 2.92 -10.46 -24.69
CA ASP A 165 3.19 -9.99 -26.05
C ASP A 165 4.33 -8.98 -26.10
N ARG A 166 4.46 -8.12 -25.10
CA ARG A 166 5.48 -7.08 -25.18
C ARG A 166 6.80 -7.46 -24.52
N TYR A 167 6.77 -8.19 -23.40
CA TYR A 167 7.96 -8.49 -22.62
C TYR A 167 8.31 -9.97 -22.53
N LYS A 168 7.49 -10.86 -23.09
CA LYS A 168 7.68 -12.30 -22.94
C LYS A 168 7.80 -12.71 -21.47
N ARG A 169 7.21 -11.92 -20.58
CA ARG A 169 7.19 -12.15 -19.15
C ARG A 169 5.74 -11.99 -18.71
N ILE A 170 5.38 -12.63 -17.60
CA ILE A 170 4.08 -12.39 -17.00
C ILE A 170 4.31 -12.04 -15.53
N PRO A 171 3.31 -11.50 -14.82
CA PRO A 171 3.52 -11.12 -13.41
C PRO A 171 3.88 -12.29 -12.51
N ASP A 172 4.65 -11.98 -11.47
CA ASP A 172 5.06 -12.96 -10.46
C ASP A 172 3.95 -13.31 -9.48
N ALA A 173 2.96 -12.44 -9.33
CA ALA A 173 1.83 -12.66 -8.43
C ALA A 173 0.77 -11.62 -8.80
N PHE A 174 -0.43 -11.80 -8.26
CA PHE A 174 -1.48 -10.80 -8.35
C PHE A 174 -2.05 -10.64 -6.95
N ILE A 175 -2.31 -9.41 -6.55
CA ILE A 175 -3.11 -9.14 -5.36
C ILE A 175 -4.53 -8.84 -5.83
N VAL A 176 -5.50 -9.54 -5.24
CA VAL A 176 -6.90 -9.33 -5.57
C VAL A 176 -7.54 -8.54 -4.44
N GLU A 177 -8.00 -7.33 -4.75
CA GLU A 177 -8.67 -6.46 -3.79
C GLU A 177 -9.97 -6.01 -4.42
N GLY A 178 -11.09 -6.30 -3.78
CA GLY A 178 -12.38 -5.86 -4.28
C GLY A 178 -12.51 -4.35 -4.26
N PRO A 179 -13.27 -3.77 -5.20
CA PRO A 179 -13.45 -2.31 -5.26
C PRO A 179 -14.39 -1.77 -4.16
N GLU A 195 -21.95 -7.76 -4.87
CA GLU A 195 -22.02 -9.12 -4.37
C GLU A 195 -21.01 -9.99 -5.12
N GLU A 196 -20.70 -9.62 -6.35
CA GLU A 196 -19.73 -10.41 -7.12
C GLU A 196 -18.35 -9.88 -6.79
N PHE A 197 -18.30 -8.71 -6.15
CA PHE A 197 -17.02 -8.09 -5.72
C PHE A 197 -16.76 -8.49 -4.27
N ARG A 198 -17.48 -9.47 -3.75
CA ARG A 198 -17.15 -10.04 -2.46
C ARG A 198 -15.94 -10.97 -2.58
N LEU A 199 -14.97 -10.80 -1.67
CA LEU A 199 -13.67 -11.45 -1.83
C LEU A 199 -13.80 -12.97 -1.93
N GLU A 200 -14.80 -13.55 -1.28
CA GLU A 200 -14.94 -15.00 -1.34
C GLU A 200 -15.45 -15.48 -2.69
N ASN A 201 -16.08 -14.60 -3.47
CA ASN A 201 -16.45 -14.89 -4.85
C ASN A 201 -15.32 -14.55 -5.82
N LEU A 202 -14.66 -13.41 -5.58
CA LEU A 202 -13.68 -12.89 -6.54
C LEU A 202 -12.43 -13.73 -6.59
N VAL A 203 -11.89 -14.08 -5.40
CA VAL A 203 -10.64 -14.85 -5.35
C VAL A 203 -10.74 -16.17 -6.12
N PRO A 204 -11.74 -17.01 -5.91
CA PRO A 204 -11.83 -18.22 -6.75
C PRO A 204 -11.85 -17.95 -8.25
N LYS A 205 -12.56 -16.90 -8.69
CA LYS A 205 -12.61 -16.61 -10.12
C LYS A 205 -11.23 -16.25 -10.65
N VAL A 206 -10.46 -15.49 -9.87
CA VAL A 206 -9.11 -15.11 -10.31
C VAL A 206 -8.17 -16.30 -10.28
N VAL A 207 -8.23 -17.12 -9.22
CA VAL A 207 -7.39 -18.31 -9.15
C VAL A 207 -7.66 -19.20 -10.36
N GLU A 208 -8.93 -19.35 -10.72
CA GLU A 208 -9.30 -20.18 -11.88
C GLU A 208 -8.69 -19.58 -13.15
N ALA A 209 -8.89 -18.29 -13.36
CA ALA A 209 -8.39 -17.66 -14.59
C ALA A 209 -6.87 -17.76 -14.67
N SER A 210 -6.20 -17.67 -13.53
CA SER A 210 -4.74 -17.72 -13.48
C SER A 210 -4.20 -19.03 -14.03
N LYS A 211 -4.96 -20.12 -13.93
CA LYS A 211 -4.48 -21.43 -14.36
C LYS A 211 -4.16 -21.45 -15.85
N GLU A 212 -4.82 -20.61 -16.65
CA GLU A 212 -4.48 -20.47 -18.06
C GLU A 212 -3.04 -20.01 -18.27
N TRP A 213 -2.42 -19.39 -17.28
CA TRP A 213 -1.08 -18.84 -17.44
C TRP A 213 -0.03 -19.47 -16.53
N GLY A 214 -0.39 -20.47 -15.74
CA GLY A 214 0.60 -21.26 -15.04
C GLY A 214 0.57 -21.16 -13.54
N ASN A 215 -0.61 -21.02 -12.97
CA ASN A 215 -0.78 -20.88 -11.51
C ASN A 215 0.20 -19.83 -10.95
N ILE A 216 -0.15 -18.61 -11.24
CA ILE A 216 0.46 -17.46 -10.59
C ILE A 216 -0.10 -17.38 -9.18
N PRO A 217 0.72 -17.24 -8.12
CA PRO A 217 0.15 -17.10 -6.78
C PRO A 217 -0.77 -15.88 -6.68
N ILE A 218 -1.90 -16.08 -6.01
CA ILE A 218 -2.92 -15.06 -5.85
C ILE A 218 -2.98 -14.66 -4.39
N ILE A 219 -2.92 -13.36 -4.13
CA ILE A 219 -2.91 -12.80 -2.78
C ILE A 219 -4.22 -12.08 -2.55
N ALA A 220 -5.00 -12.53 -1.56
CA ALA A 220 -6.30 -11.93 -1.26
C ALA A 220 -6.14 -10.74 -0.31
N ALA A 221 -6.91 -9.67 -0.57
CA ALA A 221 -6.78 -8.45 0.22
C ALA A 221 -8.13 -7.76 0.40
N GLY A 222 -8.32 -7.18 1.58
CA GLY A 222 -9.50 -6.37 1.84
C GLY A 222 -10.44 -7.02 2.83
N GLY A 223 -10.48 -6.50 4.06
CA GLY A 223 -11.39 -7.03 5.07
C GLY A 223 -10.91 -8.27 5.79
N ILE A 224 -9.66 -8.66 5.60
CA ILE A 224 -9.10 -9.83 6.28
C ILE A 224 -8.59 -9.38 7.63
N TRP A 225 -9.20 -9.90 8.70
CA TRP A 225 -8.94 -9.43 10.06
C TRP A 225 -8.11 -10.39 10.89
N ASP A 226 -8.34 -11.70 10.81
CA ASP A 226 -7.68 -12.61 11.74
C ASP A 226 -7.36 -13.92 11.02
N ARG A 227 -6.89 -14.90 11.79
CA ARG A 227 -6.46 -16.18 11.23
C ARG A 227 -7.63 -16.92 10.56
N LYS A 228 -8.82 -16.82 11.14
CA LYS A 228 -10.00 -17.43 10.51
C LYS A 228 -10.20 -16.91 9.09
N ASP A 229 -10.06 -15.60 8.90
CA ASP A 229 -10.17 -15.02 7.56
C ASP A 229 -9.06 -15.51 6.65
N ILE A 230 -7.85 -15.57 7.18
CA ILE A 230 -6.71 -16.07 6.42
C ILE A 230 -6.98 -17.50 5.95
N ASP A 231 -7.45 -18.35 6.86
CA ASP A 231 -7.68 -19.74 6.50
C ASP A 231 -8.81 -19.86 5.47
N THR A 232 -9.84 -19.02 5.60
CA THR A 232 -10.90 -19.00 4.59
C THR A 232 -10.31 -18.72 3.21
N MET A 233 -9.41 -17.73 3.12
CA MET A 233 -8.90 -17.32 1.83
C MET A 233 -8.00 -18.41 1.25
N LEU A 234 -7.14 -19.00 2.10
CA LEU A 234 -6.28 -20.11 1.70
C LEU A 234 -7.10 -21.28 1.18
N SER A 235 -8.23 -21.57 1.84
CA SER A 235 -9.02 -22.71 1.40
C SER A 235 -9.76 -22.42 0.10
N LEU A 236 -9.86 -21.16 -0.31
CA LEU A 236 -10.44 -20.82 -1.60
C LEU A 236 -9.42 -20.73 -2.71
N GLY A 237 -8.17 -21.13 -2.44
CA GLY A 237 -7.15 -21.16 -3.47
C GLY A 237 -6.17 -20.02 -3.45
N ALA A 238 -6.38 -19.02 -2.59
CA ALA A 238 -5.37 -17.98 -2.44
C ALA A 238 -4.06 -18.58 -1.94
N SER A 239 -2.94 -18.06 -2.42
CA SER A 239 -1.65 -18.45 -1.89
C SER A 239 -1.23 -17.61 -0.69
N GLY A 240 -1.87 -16.47 -0.45
CA GLY A 240 -1.52 -15.65 0.69
C GLY A 240 -2.54 -14.55 0.85
N VAL A 241 -2.32 -13.71 1.86
CA VAL A 241 -3.21 -12.58 2.10
C VAL A 241 -2.39 -11.32 2.25
N GLN A 242 -3.05 -10.20 2.00
CA GLN A 242 -2.51 -8.88 2.27
C GLN A 242 -3.43 -8.20 3.26
N MET A 243 -2.86 -7.62 4.31
CA MET A 243 -3.61 -7.02 5.40
C MET A 243 -3.00 -5.65 5.66
N ALA A 244 -3.82 -4.60 5.72
CA ALA A 244 -3.30 -3.29 6.06
C ALA A 244 -3.85 -2.75 7.37
N THR A 245 -5.18 -2.71 7.53
CA THR A 245 -5.78 -2.11 8.72
C THR A 245 -5.23 -2.67 10.03
N ARG A 246 -5.00 -4.00 10.12
CA ARG A 246 -4.44 -4.56 11.36
C ARG A 246 -3.07 -3.98 11.68
N PHE A 247 -2.25 -3.74 10.66
CA PHE A 247 -0.92 -3.19 10.89
C PHE A 247 -0.96 -1.70 11.18
N LEU A 248 -2.00 -1.02 10.68
CA LEU A 248 -2.26 0.37 11.04
C LEU A 248 -2.47 0.51 12.54
N GLY A 249 -2.90 -0.55 13.21
CA GLY A 249 -3.05 -0.58 14.65
C GLY A 249 -1.87 -1.17 15.38
N THR A 250 -0.66 -1.03 14.82
CA THR A 250 0.54 -1.44 15.54
C THR A 250 1.35 -0.22 15.97
N LYS A 251 2.09 -0.39 17.04
CA LYS A 251 2.94 0.70 17.56
C LYS A 251 3.99 1.11 16.53
N GLU A 252 4.41 0.17 15.70
CA GLU A 252 5.53 0.45 14.78
C GLU A 252 5.09 1.25 13.55
N CYS A 253 3.80 1.50 13.40
CA CYS A 253 3.31 2.38 12.35
C CYS A 253 4.06 3.72 12.34
N ASP A 254 4.52 4.13 11.15
CA ASP A 254 5.36 5.31 11.05
C ASP A 254 4.57 6.62 11.12
N ALA A 255 3.26 6.59 10.93
CA ALA A 255 2.41 7.76 11.13
C ALA A 255 1.79 7.62 12.52
N LYS A 256 2.34 8.35 13.49
CA LYS A 256 2.09 8.08 14.90
C LYS A 256 0.72 8.56 15.37
N VAL A 257 0.03 9.35 14.55
CA VAL A 257 -1.32 9.78 14.88
C VAL A 257 -2.26 8.60 15.01
N TYR A 258 -2.08 7.56 14.18
CA TYR A 258 -3.09 6.51 14.16
C TYR A 258 -3.16 5.76 15.48
N ALA A 259 -2.04 5.59 16.19
CA ALA A 259 -2.11 4.89 17.47
C ALA A 259 -2.96 5.66 18.47
N ASP A 260 -3.05 6.98 18.31
CA ASP A 260 -3.84 7.78 19.23
C ASP A 260 -5.28 7.87 18.79
N LEU A 261 -5.52 7.89 17.49
CA LEU A 261 -6.83 8.11 16.89
C LEU A 261 -7.69 6.85 16.85
N LEU A 262 -7.09 5.67 16.59
CA LEU A 262 -7.88 4.49 16.23
C LEU A 262 -8.67 3.86 17.38
N PRO A 263 -8.17 3.79 18.62
CA PRO A 263 -8.91 3.03 19.65
C PRO A 263 -10.30 3.60 20.01
N THR A 264 -10.66 4.83 19.64
CA THR A 264 -12.03 5.29 19.87
C THR A 264 -12.80 5.49 18.56
N LEU A 265 -12.21 5.15 17.42
CA LEU A 265 -12.90 5.26 16.13
C LEU A 265 -14.18 4.43 16.13
N LYS A 266 -15.29 5.06 15.78
CA LYS A 266 -16.55 4.35 15.68
C LYS A 266 -16.89 4.09 14.22
N LYS A 267 -17.64 3.01 14.01
CA LYS A 267 -18.00 2.58 12.67
C LYS A 267 -18.70 3.69 11.89
N GLU A 268 -19.52 4.51 12.56
CA GLU A 268 -20.19 5.62 11.88
C GLU A 268 -19.22 6.69 11.35
N ASP A 269 -17.99 6.75 11.86
CA ASP A 269 -17.05 7.79 11.49
C ASP A 269 -16.19 7.40 10.28
N ILE A 270 -16.52 6.30 9.62
CA ILE A 270 -15.81 5.78 8.45
C ILE A 270 -16.70 5.96 7.24
N LEU A 271 -16.20 6.63 6.21
CA LEU A 271 -17.04 6.82 5.03
C LEU A 271 -16.22 6.76 3.75
N LEU A 272 -16.90 6.38 2.66
CA LEU A 272 -16.34 6.44 1.32
C LEU A 272 -16.40 7.87 0.82
N ILE A 273 -15.32 8.30 0.19
CA ILE A 273 -15.24 9.64 -0.35
C ILE A 273 -14.67 9.55 -1.75
N LYS A 274 -14.99 10.55 -2.56
CA LYS A 274 -14.32 10.70 -3.83
C LYS A 274 -12.88 11.16 -3.60
N SER A 275 -12.05 11.02 -4.60
CA SER A 275 -10.65 11.39 -4.49
C SER A 275 -10.15 12.04 -5.78
N PRO A 276 -9.08 12.83 -5.71
CA PRO A 276 -8.54 13.43 -6.94
C PRO A 276 -7.97 12.40 -7.89
N VAL A 277 -7.77 11.15 -7.43
CA VAL A 277 -7.23 10.12 -8.31
C VAL A 277 -8.31 9.47 -9.15
N GLY A 278 -9.57 9.73 -8.88
CA GLY A 278 -10.64 9.11 -9.64
C GLY A 278 -11.04 7.74 -9.15
N TYR A 279 -10.47 7.26 -8.05
CA TYR A 279 -10.95 6.07 -7.37
C TYR A 279 -11.43 6.46 -5.97
N PRO A 280 -12.45 5.80 -5.44
CA PRO A 280 -12.87 6.08 -4.06
C PRO A 280 -11.83 5.66 -3.04
N ALA A 281 -11.82 6.39 -1.92
CA ALA A 281 -11.06 6.03 -0.74
C ALA A 281 -12.02 5.89 0.43
N ARG A 282 -11.55 5.19 1.44
CA ARG A 282 -12.28 5.09 2.69
C ARG A 282 -11.51 5.90 3.73
N ALA A 283 -12.19 6.87 4.34
CA ALA A 283 -11.56 7.89 5.16
C ALA A 283 -12.26 7.94 6.51
N ILE A 284 -11.57 8.51 7.48
CA ILE A 284 -12.16 8.81 8.78
C ILE A 284 -12.73 10.21 8.72
N ASN A 285 -13.87 10.41 9.37
CA ASN A 285 -14.56 11.69 9.29
C ASN A 285 -13.89 12.60 10.33
N THR A 286 -12.75 13.15 9.95
CA THR A 286 -11.90 13.94 10.81
C THR A 286 -10.92 14.71 9.93
N GLY A 287 -10.21 15.65 10.54
CA GLY A 287 -9.21 16.40 9.78
C GLY A 287 -9.83 17.15 8.61
N VAL A 288 -9.21 17.06 7.44
CA VAL A 288 -9.65 17.89 6.33
C VAL A 288 -11.06 17.51 5.91
N ILE A 289 -11.47 16.26 6.16
CA ILE A 289 -12.85 15.89 5.86
C ILE A 289 -13.82 16.72 6.69
N LYS A 290 -13.49 16.93 7.97
CA LYS A 290 -14.31 17.78 8.81
C LYS A 290 -14.20 19.23 8.38
N ARG A 291 -13.01 19.65 7.95
CA ARG A 291 -12.83 21.02 7.50
C ARG A 291 -13.69 21.31 6.27
N ILE A 292 -13.91 20.31 5.40
CA ILE A 292 -14.70 20.54 4.21
C ILE A 292 -16.16 20.81 4.58
N GLU A 293 -16.70 20.03 5.54
CA GLU A 293 -18.06 20.29 5.99
C GLU A 293 -18.19 21.64 6.68
N GLU A 294 -17.16 22.07 7.41
CA GLU A 294 -17.26 23.36 8.07
C GLU A 294 -16.96 24.54 7.14
N GLY A 295 -16.32 24.30 6.01
CA GLY A 295 -16.02 25.38 5.09
C GLY A 295 -14.72 26.09 5.39
N ASN A 296 -13.87 25.53 6.26
CA ASN A 296 -12.59 26.12 6.59
C ASN A 296 -11.42 25.29 6.06
N ALA A 297 -11.63 24.44 5.05
CA ALA A 297 -10.56 23.59 4.56
C ALA A 297 -9.52 24.41 3.79
N PRO A 298 -8.29 23.91 3.67
CA PRO A 298 -7.25 24.67 2.99
C PRO A 298 -7.57 24.89 1.52
N LYS A 299 -7.03 26.00 1.00
CA LYS A 299 -7.10 26.29 -0.41
C LYS A 299 -6.30 25.25 -1.19
N ILE A 300 -6.78 24.91 -2.37
CA ILE A 300 -6.11 23.95 -3.23
C ILE A 300 -5.21 24.70 -4.20
N ALA A 301 -3.94 24.32 -4.23
CA ALA A 301 -2.94 24.95 -5.09
C ALA A 301 -1.88 23.90 -5.38
N CYS A 302 -2.01 23.21 -6.51
CA CYS A 302 -1.22 22.03 -6.77
C CYS A 302 0.25 22.39 -6.73
N VAL A 303 0.99 21.85 -5.77
CA VAL A 303 2.43 22.04 -5.66
C VAL A 303 3.18 20.74 -5.94
N SER A 304 2.77 19.63 -5.31
CA SER A 304 3.55 18.41 -5.53
C SER A 304 3.17 17.66 -6.81
N ASN A 305 2.08 18.01 -7.48
CA ASN A 305 1.69 17.36 -8.74
C ASN A 305 1.72 15.82 -8.61
N CYS A 306 1.02 15.32 -7.59
CA CYS A 306 1.22 13.92 -7.20
C CYS A 306 0.67 12.90 -8.21
N VAL A 307 -0.52 13.11 -8.80
CA VAL A 307 -1.13 12.06 -9.62
C VAL A 307 -1.65 12.62 -10.94
N ALA A 308 -1.56 11.81 -12.01
CA ALA A 308 -1.97 12.27 -13.33
C ALA A 308 -3.48 12.53 -13.44
N PRO A 309 -4.37 11.68 -12.90
CA PRO A 309 -5.80 11.92 -13.11
C PRO A 309 -6.31 13.22 -12.51
N CYS A 310 -5.59 13.85 -11.58
CA CYS A 310 -6.08 15.07 -10.96
C CYS A 310 -6.00 16.26 -11.91
N ASN A 311 -5.11 16.20 -12.91
CA ASN A 311 -4.91 17.32 -13.83
C ASN A 311 -4.52 18.59 -13.08
N ARG A 312 -3.50 18.48 -12.24
CA ARG A 312 -2.89 19.61 -11.53
C ARG A 312 -3.92 20.47 -10.78
N GLY A 313 -4.86 19.82 -10.09
CA GLY A 313 -5.79 20.51 -9.22
C GLY A 313 -7.23 20.45 -9.67
N GLU A 314 -7.50 20.05 -10.92
CA GLU A 314 -8.88 20.06 -11.39
C GLU A 314 -9.76 19.18 -10.49
N GLU A 315 -9.38 17.92 -10.29
CA GLU A 315 -10.24 17.03 -9.50
C GLU A 315 -10.15 17.34 -8.02
N ALA A 316 -8.97 17.75 -7.53
CA ALA A 316 -8.86 18.15 -6.13
C ALA A 316 -9.85 19.25 -5.78
N LYS A 317 -10.01 20.24 -6.68
CA LYS A 317 -10.99 21.29 -6.43
C LYS A 317 -12.40 20.72 -6.41
N LYS A 318 -12.67 19.76 -7.30
CA LYS A 318 -14.01 19.16 -7.38
C LYS A 318 -14.36 18.36 -6.12
N VAL A 319 -13.39 17.65 -5.53
CA VAL A 319 -13.70 16.83 -4.34
C VAL A 319 -13.38 17.55 -3.04
N GLY A 320 -12.76 18.71 -3.09
CA GLY A 320 -12.60 19.56 -1.92
C GLY A 320 -11.26 19.49 -1.23
N TYR A 321 -10.35 18.61 -1.66
CA TYR A 321 -9.10 18.46 -0.93
C TYR A 321 -8.01 17.98 -1.88
N CYS A 322 -6.76 18.21 -1.49
CA CYS A 322 -5.60 17.75 -2.22
C CYS A 322 -5.04 16.54 -1.47
N ILE A 323 -4.94 15.40 -2.15
CA ILE A 323 -4.59 14.20 -1.39
C ILE A 323 -3.11 14.18 -1.01
N ALA A 324 -2.23 14.75 -1.85
CA ALA A 324 -0.82 14.86 -1.44
C ALA A 324 -0.68 15.71 -0.18
N ASP A 325 -1.25 16.91 -0.19
CA ASP A 325 -1.14 17.81 0.97
C ASP A 325 -1.73 17.17 2.22
N GLY A 326 -2.93 16.58 2.08
CA GLY A 326 -3.63 16.05 3.24
C GLY A 326 -2.95 14.84 3.86
N LEU A 327 -2.50 13.90 3.02
CA LEU A 327 -1.78 12.74 3.57
C LEU A 327 -0.43 13.17 4.11
N GLY A 328 0.27 14.06 3.43
CA GLY A 328 1.51 14.58 3.99
C GLY A 328 1.30 15.18 5.36
N ARG A 329 0.28 16.02 5.51
CA ARG A 329 0.02 16.64 6.81
C ARG A 329 -0.26 15.60 7.89
N SER A 330 -0.90 14.49 7.55
CA SER A 330 -1.16 13.46 8.55
C SER A 330 0.14 12.83 9.04
N TYR A 331 1.07 12.54 8.13
CA TYR A 331 2.37 12.01 8.55
C TYR A 331 3.08 13.00 9.47
N LEU A 332 2.94 14.30 9.18
CA LEU A 332 3.55 15.32 10.03
C LEU A 332 2.79 15.52 11.34
N GLY A 333 1.71 14.78 11.58
CA GLY A 333 0.99 14.86 12.85
C GLY A 333 -0.14 15.86 12.91
N ASN A 334 -0.58 16.39 11.78
CA ASN A 334 -1.57 17.48 11.73
C ASN A 334 -2.98 16.93 11.87
N ARG A 335 -3.61 17.17 13.03
CA ARG A 335 -4.91 16.57 13.29
C ARG A 335 -6.03 17.41 12.70
N GLU A 336 -5.80 18.69 12.48
CA GLU A 336 -6.86 19.56 11.99
C GLU A 336 -7.02 19.48 10.47
N GLU A 337 -5.92 19.33 9.72
CA GLU A 337 -6.01 19.38 8.27
C GLU A 337 -5.45 18.15 7.57
N GLY A 338 -4.99 17.14 8.31
CA GLY A 338 -4.56 15.92 7.67
C GLY A 338 -5.71 15.08 7.17
N LEU A 339 -5.38 14.18 6.25
CA LEU A 339 -6.34 13.22 5.69
C LEU A 339 -6.00 11.84 6.25
N TYR A 340 -7.01 11.15 6.79
CA TYR A 340 -6.85 9.89 7.49
C TYR A 340 -7.66 8.81 6.81
N PHE A 341 -6.99 7.72 6.44
CA PHE A 341 -7.60 6.57 5.78
C PHE A 341 -7.75 5.40 6.75
N THR A 342 -8.70 4.51 6.43
CA THR A 342 -8.86 3.25 7.17
C THR A 342 -9.60 2.26 6.29
N GLY A 343 -9.31 0.97 6.47
CA GLY A 343 -10.18 -0.06 5.92
C GLY A 343 -11.50 -0.06 6.66
N ALA A 344 -12.47 -0.80 6.12
CA ALA A 344 -13.78 -0.83 6.76
C ALA A 344 -13.71 -1.38 8.18
N ASN A 345 -12.72 -2.23 8.47
CA ASN A 345 -12.61 -2.83 9.79
C ASN A 345 -11.90 -1.94 10.82
N GLY A 346 -11.61 -0.68 10.48
CA GLY A 346 -10.80 0.15 11.36
C GLY A 346 -11.42 0.36 12.73
N TYR A 347 -12.75 0.29 12.81
CA TYR A 347 -13.40 0.44 14.09
C TYR A 347 -13.15 -0.75 15.00
N ARG A 348 -12.59 -1.85 14.50
CA ARG A 348 -12.30 -3.00 15.35
C ARG A 348 -10.95 -2.90 16.05
N VAL A 349 -10.16 -1.88 15.74
CA VAL A 349 -8.89 -1.63 16.44
C VAL A 349 -9.23 -1.05 17.82
N ASP A 350 -9.19 -1.89 18.86
CA ASP A 350 -9.58 -1.45 20.19
C ASP A 350 -8.38 -1.16 21.10
N LYS A 351 -7.24 -1.81 20.86
CA LYS A 351 -5.95 -1.59 21.49
C LYS A 351 -4.91 -1.42 20.38
N ILE A 352 -3.78 -0.81 20.72
CA ILE A 352 -2.60 -0.77 19.86
C ILE A 352 -1.62 -1.81 20.35
N ILE A 353 -1.12 -2.68 19.46
CA ILE A 353 -0.22 -3.76 19.84
C ILE A 353 1.05 -3.69 18.99
N SER A 354 2.03 -4.49 19.34
CA SER A 354 3.27 -4.52 18.58
C SER A 354 3.12 -5.41 17.36
N VAL A 355 3.95 -5.13 16.34
CA VAL A 355 3.97 -5.97 15.14
C VAL A 355 4.29 -7.40 15.51
N HIS A 356 5.24 -7.59 16.42
CA HIS A 356 5.56 -8.93 16.90
C HIS A 356 4.32 -9.63 17.41
N GLU A 357 3.60 -8.98 18.34
CA GLU A 357 2.41 -9.60 18.89
C GLU A 357 1.35 -9.82 17.83
N LEU A 358 1.21 -8.89 16.87
CA LEU A 358 0.22 -9.08 15.81
C LEU A 358 0.54 -10.33 14.98
N ILE A 359 1.79 -10.43 14.52
CA ILE A 359 2.19 -11.58 13.71
C ILE A 359 2.00 -12.89 14.47
N LYS A 360 2.24 -12.88 15.79
CA LYS A 360 1.99 -14.10 16.57
C LYS A 360 0.52 -14.47 16.58
N GLU A 361 -0.37 -13.48 16.74
CA GLU A 361 -1.80 -13.76 16.71
C GLU A 361 -2.23 -14.29 15.35
N LEU A 362 -1.66 -13.77 14.28
CA LEU A 362 -2.08 -14.18 12.95
C LEU A 362 -1.51 -15.55 12.55
N THR A 363 -0.35 -15.93 13.08
CA THR A 363 0.33 -17.11 12.59
C THR A 363 0.32 -18.29 13.53
N GLU A 364 0.05 -18.12 14.83
CA GLU A 364 0.22 -19.27 15.73
C GLU A 364 -0.76 -20.37 15.37
N GLY A 365 -0.31 -21.61 15.50
CA GLY A 365 -1.17 -22.75 15.19
C GLY A 365 -1.22 -23.19 13.73
C10 A1ECY B . -7.45 3.87 0.56
C13 A1ECY B . -8.90 1.62 1.33
C21 A1ECY B . -7.68 5.02 -3.12
C22 A1ECY B . -8.29 6.14 -3.70
C26 A1ECY B . -2.51 9.48 -3.77
C02 A1ECY B . -2.28 7.71 -1.66
C03 A1ECY B . -3.34 7.58 -2.56
C05 A1ECY B . -5.68 6.41 -2.85
C06 A1ECY B . -6.36 5.18 -2.70
C09 A1ECY B . -7.43 2.73 -0.23
C11 A1ECY B . -8.20 3.89 1.74
C12 A1ECY B . -8.95 2.77 2.12
C14 A1ECY B . -9.70 0.34 1.69
C16 A1ECY B . -9.96 -2.04 1.56
C18 A1ECY B . -8.15 1.61 0.17
C23 A1ECY B . -7.56 7.34 -3.81
C25 A1ECY B . -3.45 8.45 -3.63
C27 A1ECY B . -1.46 9.59 -2.85
C29 A1ECY B . -1.34 8.71 -1.80
N04 A1ECY B . -4.29 6.47 -2.34
N08 A1ECY B . -6.66 2.62 -1.48
N24 A1ECY B . -6.29 7.44 -3.38
O15 A1ECY B . -9.39 -0.86 1.00
O17 A1ECY B . -10.55 0.37 2.50
O19 A1ECY B . -4.50 3.18 -2.84
O20 A1ECY B . -4.66 4.22 -0.80
S07 A1ECY B . -5.47 3.79 -1.94
CL01 A1ECY B . -2.12 6.57 -0.30
CL28 A1ECY B . -0.27 10.90 -3.05
N1 FMN C . -3.07 0.60 -1.19
C2 FMN C . -2.07 0.87 -2.17
O2 FMN C . -1.93 0.13 -3.15
N3 FMN C . -1.22 1.94 -2.01
C4 FMN C . -1.35 2.77 -0.88
O4 FMN C . -0.59 3.73 -0.75
C4A FMN C . -2.35 2.50 0.08
N5 FMN C . -2.49 3.28 1.16
C5A FMN C . -3.34 2.95 2.14
C6 FMN C . -3.37 3.69 3.33
C7 FMN C . -4.22 3.34 4.38
C7M FMN C . -4.22 4.09 5.56
C8 FMN C . -5.07 2.23 4.25
C8M FMN C . -5.95 1.86 5.30
C9 FMN C . -5.05 1.50 3.06
C9A FMN C . -4.21 1.85 1.99
N10 FMN C . -4.15 1.12 0.86
C10 FMN C . -3.22 1.42 -0.08
C1' FMN C . -4.89 -0.18 0.75
C2' FMN C . -4.11 -1.26 1.52
O2' FMN C . -2.77 -1.45 0.98
C3' FMN C . -4.81 -2.64 1.56
O3' FMN C . -4.77 -3.29 0.27
C4' FMN C . -6.27 -2.62 2.04
O4' FMN C . -6.58 -1.55 2.95
C5' FMN C . -6.40 -3.96 2.75
O5' FMN C . -7.62 -4.00 3.44
P FMN C . -7.65 -4.02 4.99
O1P FMN C . -6.68 -5.08 5.33
O2P FMN C . -7.26 -2.66 5.41
O3P FMN C . -9.05 -4.38 5.20
FE1 SF4 D . -1.69 18.37 -7.31
FE2 SF4 D . -4.10 17.15 -7.37
FE3 SF4 D . -3.01 17.83 -4.95
FE4 SF4 D . -1.94 15.81 -6.34
S1 SF4 D . -4.04 15.88 -5.45
S2 SF4 D . -0.78 17.57 -5.41
S3 SF4 D . -2.22 16.51 -8.47
S4 SF4 D . -3.70 19.26 -6.61
MG MG E . -13.54 0.05 18.49
#